data_4ANB
#
_entry.id   4ANB
#
_cell.length_a   109.001
_cell.length_b   109.001
_cell.length_c   48.076
_cell.angle_alpha   90.00
_cell.angle_beta   90.00
_cell.angle_gamma   120.00
#
_symmetry.space_group_name_H-M   'P 61'
#
loop_
_entity.id
_entity.type
_entity.pdbx_description
1 polymer 'DUAL SPECIFICITY MITOGEN-ACTIVATED PROTEIN KINASE KINASE 1'
2 non-polymer [3-(AMINOMETHYL)-3-OXIDANYL-AZETIDIN-1-YL]-[3,4-BIS(FLUORANYL)-2-[(2-FLUORANYL-4-IODANYL-PHENYL)AMINO]PHENYL]METHANONE
3 non-polymer 'PHOSPHOMETHYLPHOSPHONIC ACID ADENYLATE ESTER'
4 non-polymer 'MAGNESIUM ION'
5 water water
#
_entity_poly.entity_id   1
_entity_poly.type   'polypeptide(L)'
_entity_poly.pdbx_seq_one_letter_code
;MALGELKDDDFEKISELGAGNGGVVFKVSHKPSGLVMARKLIHLEIKPAIRNQIIRELQVLHECNSPYIVGFYGAFYSDG
EISICMEHMDGGSLDQVLKKAGRIPEQILGKVSIAVIKGLTYLREKHKIMHRDVKPSNILVNSRGEIKLCDFGVSGQLID
EMANEFVGTRSYMSPERLQGTHYSVQSDIWSMGLSLVEMAVGRYPRPPMAIFELLDYIVNEPPPKLPSAVFSLEFQDFVN
KCLIKNPAERADLKQLMVHAFIKRSDAEEVDFAGWLCSTIGLNQPSTPTHAAGEGHHHHHH
;
_entity_poly.pdbx_strand_id   A
#
loop_
_chem_comp.id
_chem_comp.type
_chem_comp.name
_chem_comp.formula
ACP non-polymer 'PHOSPHOMETHYLPHOSPHONIC ACID ADENYLATE ESTER' 'C11 H18 N5 O12 P3'
MG non-polymer 'MAGNESIUM ION' 'Mg 2'
YQY non-polymer [3-(AMINOMETHYL)-3-OXIDANYL-AZETIDIN-1-YL]-[3,4-BIS(FLUORANYL)-2-[(2-FLUORANYL-4-IODANYL-PHENYL)AMINO]PHENYL]METHANONE 'C17 H15 F3 I N3 O2'
#
# COMPACT_ATOMS: atom_id res chain seq x y z
N MET A 1 1.48 -17.48 23.37
CA MET A 1 1.80 -16.90 22.04
C MET A 1 3.21 -16.31 22.04
N ALA A 2 3.76 -16.12 20.84
CA ALA A 2 5.11 -15.57 20.62
C ALA A 2 5.45 -14.33 21.42
N LEU A 3 4.52 -13.37 21.50
CA LEU A 3 4.73 -12.11 22.24
C LEU A 3 3.65 -11.83 23.31
N GLY A 4 2.37 -12.01 22.94
CA GLY A 4 1.28 -12.04 23.92
C GLY A 4 0.83 -10.76 24.65
N GLU A 5 1.79 -9.99 25.17
CA GLU A 5 1.51 -8.84 26.04
C GLU A 5 2.29 -7.61 25.58
N LEU A 6 1.71 -6.83 24.67
CA LEU A 6 2.44 -5.64 24.19
C LEU A 6 1.93 -4.41 24.88
N LYS A 7 2.87 -3.54 25.27
CA LYS A 7 2.61 -2.36 26.11
C LYS A 7 3.69 -1.33 25.87
N ASP A 8 3.32 -0.04 25.97
CA ASP A 8 4.18 1.08 25.62
C ASP A 8 5.59 1.06 26.22
N ASP A 9 5.69 0.70 27.49
CA ASP A 9 6.98 0.75 28.16
C ASP A 9 8.04 -0.22 27.58
N ASP A 10 7.60 -1.34 26.98
CA ASP A 10 8.51 -2.29 26.30
C ASP A 10 9.22 -1.61 25.14
N PHE A 11 8.51 -0.72 24.45
CA PHE A 11 9.01 -0.16 23.20
C PHE A 11 9.88 1.04 23.40
N GLU A 12 10.99 1.08 22.67
CA GLU A 12 11.93 2.19 22.70
C GLU A 12 12.11 2.77 21.29
N LYS A 13 11.88 4.08 21.14
CA LYS A 13 11.94 4.76 19.84
C LYS A 13 13.34 4.82 19.30
N ILE A 14 13.52 4.53 18.01
CA ILE A 14 14.82 4.73 17.37
C ILE A 14 14.76 5.94 16.43
N SER A 15 13.65 6.09 15.73
CA SER A 15 13.44 7.21 14.82
C SER A 15 11.95 7.29 14.54
N GLU A 16 11.48 8.49 14.22
CA GLU A 16 10.18 8.60 13.55
C GLU A 16 10.38 8.28 12.05
N LEU A 17 9.49 7.46 11.51
CA LEU A 17 9.51 7.20 10.08
C LEU A 17 8.58 8.16 9.31
N GLY A 18 7.75 8.93 10.03
CA GLY A 18 6.89 9.97 9.41
C GLY A 18 5.39 9.84 9.71
N ALA A 19 4.58 10.78 9.19
CA ALA A 19 3.10 10.79 9.41
C ALA A 19 2.27 10.71 8.12
N GLY A 20 1.12 10.04 8.20
CA GLY A 20 0.23 10.00 7.05
C GLY A 20 -1.16 10.54 7.31
N ASN A 21 -2.17 9.81 6.82
CA ASN A 21 -3.58 10.21 6.95
C ASN A 21 -4.27 9.65 8.21
N GLY A 22 -3.74 10.06 9.36
CA GLY A 22 -4.28 9.64 10.65
C GLY A 22 -3.31 8.90 11.57
N GLY A 23 -2.11 8.54 11.09
CA GLY A 23 -1.16 7.80 11.93
C GLY A 23 0.24 8.40 11.91
N VAL A 24 1.00 8.15 12.96
CA VAL A 24 2.44 8.43 12.91
C VAL A 24 3.26 7.13 13.10
N VAL A 25 4.36 7.03 12.38
CA VAL A 25 5.12 5.79 12.36
C VAL A 25 6.51 5.91 12.97
N PHE A 26 6.77 5.06 13.98
CA PHE A 26 8.10 4.97 14.57
C PHE A 26 8.85 3.61 14.31
N LYS A 27 10.16 3.71 14.15
CA LYS A 27 11.01 2.55 14.16
C LYS A 27 11.31 2.31 15.62
N VAL A 28 10.81 1.20 16.13
CA VAL A 28 11.07 0.91 17.53
C VAL A 28 12.06 -0.25 17.82
N SER A 29 12.54 -0.28 19.06
CA SER A 29 13.00 -1.52 19.65
C SER A 29 11.95 -2.08 20.62
N HIS A 30 11.62 -3.35 20.43
CA HIS A 30 10.88 -4.04 21.44
C HIS A 30 11.82 -4.71 22.46
N LYS A 31 12.14 -3.96 23.51
CA LYS A 31 13.21 -4.32 24.46
C LYS A 31 13.28 -5.76 24.93
N PRO A 32 12.15 -6.33 25.43
CA PRO A 32 12.04 -7.73 25.88
C PRO A 32 12.44 -8.87 24.92
N SER A 33 12.11 -8.75 23.63
CA SER A 33 12.31 -9.82 22.64
C SER A 33 13.44 -9.52 21.72
N GLY A 34 13.86 -8.27 21.71
CA GLY A 34 14.95 -7.81 20.84
C GLY A 34 14.48 -7.46 19.43
N LEU A 35 13.19 -7.63 19.13
CA LEU A 35 12.61 -7.26 17.83
C LEU A 35 12.72 -5.77 17.48
N VAL A 36 13.15 -5.51 16.24
CA VAL A 36 13.08 -4.18 15.62
C VAL A 36 11.77 -4.06 14.88
N MET A 37 10.93 -3.07 15.20
CA MET A 37 9.64 -3.04 14.50
C MET A 37 9.30 -1.66 13.93
N ALA A 38 8.25 -1.63 13.10
CA ALA A 38 7.56 -0.35 12.85
C ALA A 38 6.28 -0.33 13.63
N ARG A 39 6.06 0.78 14.34
CA ARG A 39 4.87 0.98 15.18
C ARG A 39 4.13 2.21 14.67
N LYS A 40 2.91 1.96 14.24
CA LYS A 40 2.10 3.04 13.72
C LYS A 40 1.13 3.40 14.82
N LEU A 41 1.14 4.68 15.22
CA LEU A 41 0.20 5.19 16.26
C LEU A 41 -0.92 5.99 15.61
N ILE A 42 -2.16 5.50 15.68
CA ILE A 42 -3.34 6.17 15.14
C ILE A 42 -4.16 6.82 16.25
N HIS A 43 -4.08 8.15 16.34
CA HIS A 43 -4.87 8.89 17.35
C HIS A 43 -6.36 8.92 17.00
N LEU A 44 -7.17 8.45 17.94
CA LEU A 44 -8.62 8.48 17.83
C LEU A 44 -9.19 8.93 19.17
N GLU A 45 -10.44 9.40 19.16
CA GLU A 45 -11.19 9.62 20.41
C GLU A 45 -12.39 8.67 20.35
N ILE A 46 -12.22 7.47 20.93
CA ILE A 46 -13.24 6.42 20.84
C ILE A 46 -13.58 5.80 22.19
N LYS A 47 -14.83 5.32 22.29
CA LYS A 47 -15.28 4.49 23.42
C LYS A 47 -14.24 3.40 23.71
N PRO A 48 -14.18 2.91 24.97
CA PRO A 48 -13.26 1.80 25.18
C PRO A 48 -13.84 0.47 24.63
N ALA A 49 -15.11 0.46 24.24
CA ALA A 49 -15.72 -0.73 23.64
C ALA A 49 -15.26 -0.88 22.19
N ILE A 50 -15.32 0.25 21.48
CA ILE A 50 -14.97 0.31 20.06
C ILE A 50 -13.44 0.23 19.91
N ARG A 51 -12.72 0.78 20.88
CA ARG A 51 -11.27 0.68 20.97
C ARG A 51 -10.79 -0.75 21.19
N ASN A 52 -11.64 -1.57 21.79
CA ASN A 52 -11.28 -2.96 21.99
C ASN A 52 -11.74 -3.83 20.83
N GLN A 53 -12.81 -3.43 20.16
CA GLN A 53 -13.29 -4.09 18.92
C GLN A 53 -12.33 -3.92 17.72
N ILE A 54 -11.70 -2.76 17.67
CA ILE A 54 -10.66 -2.45 16.71
C ILE A 54 -9.47 -3.38 17.02
N ILE A 55 -9.01 -3.36 18.28
CA ILE A 55 -7.87 -4.18 18.63
C ILE A 55 -8.06 -5.67 18.42
N ARG A 56 -9.30 -6.14 18.52
CA ARG A 56 -9.60 -7.57 18.32
C ARG A 56 -9.69 -7.84 16.84
N GLU A 57 -10.09 -6.85 16.05
CA GLU A 57 -10.23 -7.07 14.62
C GLU A 57 -8.85 -7.13 14.01
N LEU A 58 -7.96 -6.29 14.54
CA LEU A 58 -6.62 -6.25 14.09
C LEU A 58 -5.88 -7.57 14.28
N GLN A 59 -6.29 -8.35 15.30
CA GLN A 59 -5.52 -9.55 15.64
C GLN A 59 -5.56 -10.54 14.50
N VAL A 60 -6.54 -10.44 13.62
CA VAL A 60 -6.52 -11.20 12.36
C VAL A 60 -5.21 -11.00 11.56
N LEU A 61 -4.52 -9.89 11.76
CA LEU A 61 -3.25 -9.76 11.09
C LEU A 61 -2.22 -10.84 11.48
N HIS A 62 -2.34 -11.47 12.67
CA HIS A 62 -1.41 -12.58 13.04
C HIS A 62 -1.43 -13.68 12.02
N GLU A 63 -2.57 -13.82 11.36
CA GLU A 63 -2.78 -14.86 10.39
C GLU A 63 -2.24 -14.57 8.99
N CYS A 64 -1.69 -13.38 8.78
CA CYS A 64 -1.31 -12.93 7.42
C CYS A 64 0.17 -13.29 7.16
N ASN A 65 0.42 -14.39 6.47
CA ASN A 65 1.82 -14.81 6.37
C ASN A 65 2.19 -14.89 4.91
N SER A 66 2.95 -13.90 4.45
CA SER A 66 3.25 -13.78 3.02
C SER A 66 4.49 -12.95 2.82
N PRO A 67 5.30 -13.38 1.84
CA PRO A 67 6.50 -12.57 1.63
C PRO A 67 6.11 -11.28 0.90
N TYR A 68 4.87 -11.15 0.50
CA TYR A 68 4.47 -9.91 -0.18
C TYR A 68 3.63 -8.92 0.74
N ILE A 69 3.48 -9.28 2.02
CA ILE A 69 2.64 -8.60 3.00
C ILE A 69 3.56 -8.36 4.13
N VAL A 70 3.72 -7.12 4.51
CA VAL A 70 4.40 -6.72 5.73
C VAL A 70 3.88 -7.58 6.94
N GLY A 71 4.85 -8.07 7.74
CA GLY A 71 4.52 -8.96 8.86
C GLY A 71 4.02 -8.19 10.10
N PHE A 72 3.02 -8.75 10.76
CA PHE A 72 2.39 -8.21 11.98
C PHE A 72 2.86 -8.89 13.26
N TYR A 73 3.15 -8.08 14.30
CA TYR A 73 3.63 -8.52 15.63
C TYR A 73 2.56 -8.32 16.72
N GLY A 74 1.86 -7.19 16.66
CA GLY A 74 0.70 -7.01 17.49
C GLY A 74 0.10 -5.63 17.34
N ALA A 75 -1.06 -5.48 17.96
CA ALA A 75 -1.87 -4.27 18.02
C ALA A 75 -2.27 -4.04 19.52
N PHE A 76 -2.07 -2.84 20.04
CA PHE A 76 -2.57 -2.50 21.39
C PHE A 76 -3.02 -1.02 21.48
N TYR A 77 -3.59 -0.64 22.62
CA TYR A 77 -4.01 0.76 22.91
C TYR A 77 -3.14 1.29 24.03
N SER A 78 -2.65 2.51 23.93
CA SER A 78 -2.09 3.15 25.11
C SER A 78 -2.09 4.67 25.00
N ASP A 79 -2.52 5.32 26.09
CA ASP A 79 -2.49 6.79 26.23
C ASP A 79 -2.98 7.54 24.98
N GLY A 80 -4.22 7.26 24.59
CA GLY A 80 -4.87 8.00 23.48
C GLY A 80 -4.64 7.46 22.07
N GLU A 81 -3.81 6.42 21.92
CA GLU A 81 -3.35 6.01 20.58
C GLU A 81 -3.38 4.50 20.32
N ILE A 82 -4.02 4.09 19.24
CA ILE A 82 -3.91 2.69 18.82
C ILE A 82 -2.60 2.43 18.07
N SER A 83 -1.86 1.45 18.60
CA SER A 83 -0.61 0.96 18.04
C SER A 83 -0.76 -0.27 17.14
N ILE A 84 -0.29 -0.15 15.89
CA ILE A 84 -0.15 -1.36 15.08
C ILE A 84 1.35 -1.59 15.00
N CYS A 85 1.77 -2.81 15.37
CA CYS A 85 3.17 -3.21 15.40
C CYS A 85 3.50 -4.22 14.28
N MET A 86 4.51 -3.90 13.48
CA MET A 86 4.67 -4.61 12.20
C MET A 86 6.15 -4.72 11.85
N GLU A 87 6.49 -5.60 10.91
CA GLU A 87 7.82 -5.71 10.37
C GLU A 87 8.27 -4.38 9.82
N HIS A 88 9.52 -4.01 10.15
CA HIS A 88 10.18 -2.78 9.75
C HIS A 88 10.91 -2.88 8.40
N MET A 89 10.56 -1.96 7.47
CA MET A 89 11.15 -1.97 6.14
C MET A 89 12.11 -0.84 6.01
N ASP A 90 13.38 -1.19 5.88
CA ASP A 90 14.46 -0.21 5.84
C ASP A 90 14.59 0.53 4.47
N GLY A 91 13.83 0.11 3.46
CA GLY A 91 13.69 0.97 2.32
C GLY A 91 12.59 2.05 2.42
N GLY A 92 11.81 2.09 3.51
CA GLY A 92 10.58 2.93 3.55
C GLY A 92 9.61 2.53 2.44
N SER A 93 8.84 3.47 1.90
CA SER A 93 7.88 3.12 0.85
C SER A 93 8.34 3.66 -0.48
N LEU A 94 7.71 3.15 -1.52
CA LEU A 94 7.88 3.66 -2.90
C LEU A 94 7.65 5.17 -3.12
N ASP A 95 6.85 5.78 -2.28
CA ASP A 95 6.58 7.21 -2.39
C ASP A 95 7.81 7.95 -1.92
N GLN A 96 8.40 7.50 -0.80
CA GLN A 96 9.74 7.96 -0.37
C GLN A 96 10.82 7.66 -1.43
N VAL A 97 10.79 6.44 -1.97
CA VAL A 97 11.73 6.08 -3.01
C VAL A 97 11.62 7.04 -4.20
N LEU A 98 10.40 7.23 -4.69
CA LEU A 98 10.13 8.15 -5.83
C LEU A 98 10.60 9.57 -5.59
N LYS A 99 10.43 10.10 -4.37
CA LYS A 99 10.94 11.45 -4.05
C LYS A 99 12.47 11.59 -4.16
N LYS A 100 13.19 10.52 -3.82
CA LYS A 100 14.64 10.45 -3.94
C LYS A 100 15.09 10.12 -5.38
N ALA A 101 14.36 9.24 -6.10
CA ALA A 101 14.70 8.80 -7.47
C ALA A 101 14.27 9.71 -8.65
N GLY A 102 13.18 10.46 -8.47
CA GLY A 102 12.56 11.22 -9.53
C GLY A 102 11.55 10.39 -10.30
N ARG A 103 11.99 9.22 -10.75
CA ARG A 103 11.24 8.36 -11.65
C ARG A 103 11.75 6.96 -11.31
N ILE A 104 10.85 6.00 -11.23
CA ILE A 104 11.30 4.66 -10.93
C ILE A 104 11.23 4.00 -12.29
N PRO A 105 12.34 3.37 -12.75
CA PRO A 105 12.39 2.67 -14.03
C PRO A 105 11.47 1.46 -14.13
N GLU A 106 10.97 1.24 -15.34
CA GLU A 106 10.09 0.17 -15.71
C GLU A 106 10.49 -1.23 -15.23
N GLN A 107 11.78 -1.52 -15.16
CA GLN A 107 12.14 -2.89 -14.74
C GLN A 107 11.88 -3.15 -13.25
N ILE A 108 12.23 -2.19 -12.42
CA ILE A 108 11.88 -2.15 -11.00
C ILE A 108 10.38 -2.15 -10.84
N LEU A 109 9.64 -1.43 -11.66
CA LEU A 109 8.17 -1.45 -11.60
C LEU A 109 7.48 -2.75 -12.05
N GLY A 110 8.18 -3.55 -12.86
CA GLY A 110 7.68 -4.90 -13.21
C GLY A 110 7.76 -5.80 -11.98
N LYS A 111 8.77 -5.56 -11.17
CA LYS A 111 9.03 -6.28 -9.92
C LYS A 111 8.06 -5.81 -8.82
N VAL A 112 7.82 -4.49 -8.77
CA VAL A 112 6.76 -3.91 -7.96
C VAL A 112 5.41 -4.53 -8.33
N SER A 113 5.08 -4.61 -9.58
CA SER A 113 3.79 -5.13 -10.01
C SER A 113 3.51 -6.51 -9.57
N ILE A 114 4.56 -7.33 -9.57
CA ILE A 114 4.46 -8.79 -9.29
C ILE A 114 4.14 -8.99 -7.82
N ALA A 115 4.95 -8.36 -6.99
CA ALA A 115 4.76 -8.39 -5.55
C ALA A 115 3.33 -7.91 -5.20
N VAL A 116 2.96 -6.72 -5.68
CA VAL A 116 1.55 -6.22 -5.51
C VAL A 116 0.49 -7.21 -6.01
N ILE A 117 0.58 -7.69 -7.23
CA ILE A 117 -0.39 -8.67 -7.72
C ILE A 117 -0.48 -9.86 -6.75
N LYS A 118 0.67 -10.23 -6.17
CA LYS A 118 0.74 -11.46 -5.38
C LYS A 118 0.27 -11.21 -3.95
N GLY A 119 0.52 -10.01 -3.46
CA GLY A 119 0.03 -9.57 -2.16
C GLY A 119 -1.47 -9.51 -2.12
N LEU A 120 -2.01 -8.91 -3.17
CA LEU A 120 -3.42 -8.69 -3.23
C LEU A 120 -4.15 -10.01 -3.35
N THR A 121 -3.53 -10.96 -4.07
CA THR A 121 -4.09 -12.30 -4.34
C THR A 121 -4.15 -13.07 -3.02
N TYR A 122 -3.04 -13.03 -2.29
CA TYR A 122 -2.95 -13.68 -1.02
C TYR A 122 -4.07 -13.16 -0.09
N LEU A 123 -4.13 -11.82 0.11
CA LEU A 123 -5.11 -11.20 1.01
C LEU A 123 -6.52 -11.61 0.66
N ARG A 124 -6.82 -11.69 -0.63
CA ARG A 124 -8.11 -12.03 -1.09
C ARG A 124 -8.44 -13.52 -1.02
N GLU A 125 -7.54 -14.37 -1.55
CA GLU A 125 -7.72 -15.84 -1.45
C GLU A 125 -7.64 -16.38 0.00
N LYS A 126 -6.64 -15.96 0.76
CA LYS A 126 -6.53 -16.44 2.15
C LYS A 126 -7.58 -15.83 3.08
N HIS A 127 -7.62 -14.48 3.14
CA HIS A 127 -8.27 -13.76 4.24
C HIS A 127 -9.47 -12.93 3.88
N LYS A 128 -9.82 -12.96 2.59
CA LYS A 128 -10.93 -12.20 1.99
C LYS A 128 -10.89 -10.66 2.30
N ILE A 129 -9.68 -10.13 2.39
CA ILE A 129 -9.43 -8.73 2.61
C ILE A 129 -9.13 -8.09 1.21
N MET A 130 -9.87 -7.03 0.83
CA MET A 130 -9.50 -6.05 -0.23
C MET A 130 -8.51 -5.07 0.39
N HIS A 131 -7.59 -4.45 -0.36
CA HIS A 131 -6.63 -3.55 0.31
C HIS A 131 -7.30 -2.22 0.70
N ARG A 132 -8.02 -1.63 -0.27
CA ARG A 132 -8.80 -0.38 -0.15
C ARG A 132 -7.96 0.90 -0.20
N ASP A 133 -6.67 0.82 0.00
CA ASP A 133 -5.87 2.02 -0.22
C ASP A 133 -4.48 1.75 -0.91
N VAL A 134 -4.51 1.15 -2.10
CA VAL A 134 -3.24 0.97 -2.85
C VAL A 134 -2.73 2.25 -3.43
N LYS A 135 -1.51 2.60 -3.08
CA LYS A 135 -0.88 3.78 -3.56
C LYS A 135 0.59 3.67 -3.15
N PRO A 136 1.51 4.39 -3.82
CA PRO A 136 2.93 4.11 -3.53
C PRO A 136 3.41 4.21 -2.07
N SER A 137 2.75 4.97 -1.23
CA SER A 137 3.16 5.11 0.17
C SER A 137 2.81 3.85 1.01
N ASN A 138 1.94 3.01 0.47
CA ASN A 138 1.47 1.83 1.14
C ASN A 138 2.12 0.59 0.49
N ILE A 139 3.16 0.81 -0.34
CA ILE A 139 3.96 -0.33 -0.91
C ILE A 139 5.31 -0.12 -0.30
N LEU A 140 5.79 -1.07 0.51
CA LEU A 140 7.05 -0.85 1.28
C LEU A 140 8.21 -1.66 0.74
N VAL A 141 9.42 -1.13 0.88
CA VAL A 141 10.61 -1.91 0.46
C VAL A 141 11.78 -1.98 1.50
N ASN A 142 12.66 -2.97 1.31
CA ASN A 142 13.84 -3.13 2.19
C ASN A 142 15.12 -3.44 1.40
N SER A 143 16.23 -3.46 2.13
CA SER A 143 17.58 -3.63 1.58
C SER A 143 17.82 -5.05 1.11
N ARG A 144 16.84 -5.94 1.31
CA ARG A 144 16.94 -7.27 0.80
C ARG A 144 16.21 -7.32 -0.51
N GLY A 145 15.59 -6.19 -0.86
CA GLY A 145 14.97 -6.00 -2.14
C GLY A 145 13.59 -6.56 -2.15
N GLU A 146 13.04 -6.81 -0.97
CA GLU A 146 11.69 -7.30 -0.84
C GLU A 146 10.70 -6.13 -1.06
N ILE A 147 9.49 -6.45 -1.51
CA ILE A 147 8.49 -5.45 -1.81
C ILE A 147 7.16 -5.88 -1.18
N LYS A 148 6.62 -5.05 -0.27
CA LYS A 148 5.43 -5.54 0.48
C LYS A 148 4.24 -4.59 0.66
N LEU A 149 3.03 -5.15 0.58
CA LEU A 149 1.80 -4.40 0.85
C LEU A 149 1.59 -4.14 2.37
N CYS A 150 1.55 -2.87 2.83
CA CYS A 150 0.95 -2.45 4.12
C CYS A 150 -0.41 -1.65 4.06
N ASP A 151 -1.03 -1.42 5.25
CA ASP A 151 -2.21 -0.56 5.45
C ASP A 151 -3.46 -0.98 4.81
N PHE A 152 -3.74 -2.27 4.81
CA PHE A 152 -4.95 -2.76 4.12
C PHE A 152 -6.11 -2.87 5.09
N GLY A 153 -7.31 -2.90 4.59
CA GLY A 153 -8.44 -2.76 5.50
C GLY A 153 -8.81 -4.07 6.15
N VAL A 154 -8.00 -4.53 7.12
CA VAL A 154 -8.36 -5.75 7.91
C VAL A 154 -9.59 -5.62 8.80
N SER A 155 -9.63 -4.50 9.55
CA SER A 155 -10.65 -4.26 10.56
C SER A 155 -11.75 -3.32 10.05
N GLY A 156 -12.96 -3.85 9.86
CA GLY A 156 -14.09 -3.08 9.37
C GLY A 156 -14.41 -1.85 10.23
N GLN A 157 -13.97 -1.87 11.50
CA GLN A 157 -14.30 -0.78 12.44
C GLN A 157 -13.25 0.28 12.38
N LEU A 158 -12.01 -0.14 12.17
CA LEU A 158 -10.94 0.82 12.00
C LEU A 158 -11.19 1.47 10.65
N ILE A 159 -11.68 0.72 9.67
CA ILE A 159 -12.15 1.33 8.43
C ILE A 159 -13.20 2.41 8.78
N ASP A 160 -14.35 1.99 9.33
CA ASP A 160 -15.41 2.91 9.83
C ASP A 160 -14.88 4.13 10.64
N GLU A 161 -14.11 3.90 11.69
CA GLU A 161 -13.60 5.02 12.48
C GLU A 161 -12.62 5.92 11.72
N MET A 162 -11.85 5.33 10.81
CA MET A 162 -10.94 6.06 9.95
C MET A 162 -11.72 7.02 9.03
N ALA A 163 -12.73 6.49 8.34
CA ALA A 163 -13.50 7.22 7.33
C ALA A 163 -14.19 8.46 7.89
N ASN A 164 -14.99 8.27 8.94
CA ASN A 164 -15.66 9.39 9.61
C ASN A 164 -14.77 10.11 10.63
N GLU A 165 -13.52 10.34 10.23
CA GLU A 165 -12.73 11.46 10.74
C GLU A 165 -12.08 12.11 9.51
N PHE A 166 -11.51 11.27 8.63
CA PHE A 166 -10.75 11.70 7.43
C PHE A 166 -11.37 11.31 6.07
N VAL A 167 -11.07 12.08 5.02
CA VAL A 167 -11.58 11.78 3.62
C VAL A 167 -10.66 10.84 2.81
N GLY A 168 -9.35 11.06 2.94
CA GLY A 168 -8.35 10.16 2.41
C GLY A 168 -7.90 10.46 1.00
N THR A 169 -7.35 9.40 0.38
CA THR A 169 -6.80 9.43 -0.96
C THR A 169 -7.90 9.14 -1.95
N ARG A 170 -8.77 10.14 -2.10
CA ARG A 170 -9.82 10.09 -3.07
C ARG A 170 -9.23 10.18 -4.48
N SER A 171 -8.02 10.75 -4.59
CA SER A 171 -7.35 10.82 -5.90
C SER A 171 -7.01 9.43 -6.46
N TYR A 172 -7.00 8.44 -5.57
CA TYR A 172 -6.70 7.07 -5.94
C TYR A 172 -7.90 6.18 -6.20
N MET A 173 -9.09 6.67 -5.89
CA MET A 173 -10.35 5.93 -6.04
C MET A 173 -10.77 5.74 -7.50
N SER A 174 -11.39 4.61 -7.74
CA SER A 174 -11.81 4.26 -9.07
C SER A 174 -13.00 5.13 -9.45
N PRO A 175 -13.30 5.25 -10.75
CA PRO A 175 -14.47 6.02 -11.10
C PRO A 175 -15.72 5.57 -10.38
N GLU A 176 -15.92 4.26 -10.31
CA GLU A 176 -17.16 3.70 -9.80
C GLU A 176 -17.32 4.02 -8.31
N ARG A 177 -16.22 3.88 -7.57
CA ARG A 177 -16.19 4.18 -6.16
C ARG A 177 -16.38 5.67 -5.88
N LEU A 178 -16.07 6.52 -6.85
CA LEU A 178 -16.33 7.95 -6.70
C LEU A 178 -17.80 8.28 -6.97
N GLN A 179 -18.40 7.51 -7.87
CA GLN A 179 -19.83 7.59 -8.14
C GLN A 179 -20.72 7.04 -7.00
N GLY A 180 -20.09 6.63 -5.90
CA GLY A 180 -20.85 6.08 -4.76
C GLY A 180 -20.80 4.57 -4.58
N THR A 181 -20.66 3.84 -5.69
CA THR A 181 -20.53 2.36 -5.69
C THR A 181 -19.65 1.82 -4.56
N HIS A 182 -20.13 0.76 -3.91
CA HIS A 182 -19.41 0.13 -2.80
C HIS A 182 -18.08 -0.50 -3.22
N TYR A 183 -17.09 -0.48 -2.33
CA TYR A 183 -15.77 -1.03 -2.69
C TYR A 183 -15.79 -2.44 -3.36
N SER A 184 -14.92 -2.61 -4.35
CA SER A 184 -14.93 -3.80 -5.16
C SER A 184 -13.50 -4.22 -5.29
N VAL A 185 -13.29 -5.49 -5.63
CA VAL A 185 -11.91 -5.98 -5.85
C VAL A 185 -11.32 -5.26 -7.03
N GLN A 186 -12.20 -4.77 -7.87
CA GLN A 186 -11.79 -4.19 -9.11
C GLN A 186 -11.23 -2.78 -8.85
N SER A 187 -11.51 -2.25 -7.65
CA SER A 187 -10.99 -0.95 -7.25
C SER A 187 -9.52 -0.99 -6.86
N ASP A 188 -9.07 -2.10 -6.28
CA ASP A 188 -7.65 -2.18 -5.87
C ASP A 188 -6.75 -2.17 -7.10
N ILE A 189 -7.22 -2.80 -8.16
CA ILE A 189 -6.52 -2.88 -9.49
C ILE A 189 -6.43 -1.53 -10.24
N TRP A 190 -7.52 -0.81 -10.28
CA TRP A 190 -7.45 0.60 -10.70
C TRP A 190 -6.32 1.36 -10.01
N SER A 191 -6.30 1.28 -8.67
CA SER A 191 -5.30 2.02 -7.89
C SER A 191 -3.91 1.52 -8.02
N MET A 192 -3.79 0.23 -8.32
CA MET A 192 -2.45 -0.33 -8.66
C MET A 192 -1.93 0.28 -9.97
N GLY A 193 -2.85 0.29 -10.94
CA GLY A 193 -2.67 0.93 -12.26
C GLY A 193 -2.18 2.35 -12.22
N LEU A 194 -2.86 3.17 -11.43
CA LEU A 194 -2.56 4.56 -11.26
C LEU A 194 -1.25 4.74 -10.53
N SER A 195 -1.03 3.89 -9.50
CA SER A 195 0.26 3.93 -8.80
C SER A 195 1.44 3.68 -9.78
N LEU A 196 1.31 2.69 -10.64
CA LEU A 196 2.44 2.38 -11.55
C LEU A 196 2.73 3.53 -12.50
N VAL A 197 1.66 4.12 -13.03
CA VAL A 197 1.78 5.29 -13.94
C VAL A 197 2.48 6.45 -13.26
N GLU A 198 2.17 6.65 -11.99
CA GLU A 198 2.72 7.80 -11.23
C GLU A 198 4.18 7.62 -10.91
N MET A 199 4.54 6.43 -10.43
CA MET A 199 5.98 6.10 -10.25
C MET A 199 6.76 6.09 -11.58
N ALA A 200 6.14 5.60 -12.65
CA ALA A 200 6.79 5.62 -13.98
C ALA A 200 7.13 7.05 -14.41
N VAL A 201 6.14 7.96 -14.41
CA VAL A 201 6.34 9.32 -14.99
C VAL A 201 6.86 10.30 -13.98
N GLY A 202 6.72 9.96 -12.69
CA GLY A 202 7.38 10.77 -11.66
C GLY A 202 6.44 11.74 -10.95
N ARG A 203 5.15 11.57 -11.13
CA ARG A 203 4.22 12.56 -10.60
C ARG A 203 2.83 12.01 -10.76
N TYR A 204 1.89 12.54 -9.97
CA TYR A 204 0.51 12.10 -10.08
C TYR A 204 -0.03 12.37 -11.52
N PRO A 205 -0.39 11.28 -12.23
CA PRO A 205 -0.66 11.26 -13.66
C PRO A 205 -1.97 11.96 -14.06
N ARG A 206 -2.50 13.38 -13.41
CA ARG A 206 -3.64 13.97 -14.08
C ARG A 206 -3.23 15.41 -14.27
N PRO A 207 -3.96 16.16 -15.11
CA PRO A 207 -3.68 17.59 -15.19
C PRO A 207 -3.86 18.15 -13.81
N PRO A 208 -3.07 19.12 -13.44
CA PRO A 208 -3.28 19.76 -12.19
C PRO A 208 -4.64 20.50 -12.20
N MET A 209 -5.23 20.72 -11.02
CA MET A 209 -6.63 21.19 -10.94
C MET A 209 -7.12 20.94 -9.54
N ALA A 210 -7.83 21.92 -8.99
CA ALA A 210 -8.43 21.87 -7.65
C ALA A 210 -9.08 20.52 -7.36
N ILE A 211 -9.05 20.11 -6.11
CA ILE A 211 -9.54 18.76 -5.77
C ILE A 211 -10.90 18.40 -6.28
N PHE A 212 -11.89 19.22 -6.00
CA PHE A 212 -13.25 18.86 -6.43
C PHE A 212 -13.33 18.66 -7.91
N GLU A 213 -12.61 19.48 -8.69
CA GLU A 213 -12.57 19.30 -10.15
C GLU A 213 -12.01 17.93 -10.52
N LEU A 214 -10.95 17.52 -9.81
CA LEU A 214 -10.31 16.20 -10.02
C LEU A 214 -11.29 15.08 -9.90
N LEU A 215 -12.04 15.07 -8.81
CA LEU A 215 -13.02 14.01 -8.63
C LEU A 215 -13.99 13.89 -9.81
N ASP A 216 -14.54 15.01 -10.29
CA ASP A 216 -15.39 14.98 -11.50
C ASP A 216 -14.61 14.59 -12.76
N TYR A 217 -13.38 15.08 -12.88
CA TYR A 217 -12.56 14.67 -13.99
C TYR A 217 -12.41 13.15 -14.11
N ILE A 218 -12.22 12.51 -12.96
CA ILE A 218 -11.94 11.08 -12.92
C ILE A 218 -13.12 10.28 -13.40
N VAL A 219 -14.31 10.66 -12.96
CA VAL A 219 -15.54 9.97 -13.34
C VAL A 219 -15.92 10.33 -14.78
N ASN A 220 -15.56 11.54 -15.19
CA ASN A 220 -16.05 12.10 -16.43
C ASN A 220 -15.07 11.89 -17.57
N GLU A 221 -13.78 12.14 -17.32
CA GLU A 221 -12.74 12.03 -18.36
C GLU A 221 -12.08 10.64 -18.50
N PRO A 222 -11.31 10.40 -19.59
CA PRO A 222 -10.77 9.04 -19.73
C PRO A 222 -9.56 8.82 -18.77
N PRO A 223 -9.14 7.55 -18.55
CA PRO A 223 -8.13 7.19 -17.56
C PRO A 223 -6.75 7.57 -18.00
N PRO A 224 -5.80 7.69 -17.04
CA PRO A 224 -4.42 7.99 -17.46
C PRO A 224 -3.75 6.90 -18.35
N LYS A 225 -2.68 7.32 -19.06
CA LYS A 225 -1.91 6.49 -19.98
C LYS A 225 -0.44 6.75 -19.72
N LEU A 226 0.42 5.76 -19.96
CA LEU A 226 1.88 6.08 -20.07
C LEU A 226 2.13 6.81 -21.38
N PRO A 227 3.17 7.70 -21.43
CA PRO A 227 3.71 8.14 -22.75
C PRO A 227 4.19 6.96 -23.56
N SER A 228 3.96 6.99 -24.87
CA SER A 228 4.17 5.84 -25.72
C SER A 228 5.57 5.64 -26.31
N ALA A 229 6.49 6.58 -26.13
CA ALA A 229 7.83 6.36 -26.71
C ALA A 229 8.84 5.78 -25.71
N VAL A 230 8.64 6.09 -24.44
CA VAL A 230 9.66 5.84 -23.42
C VAL A 230 9.34 4.66 -22.48
N PHE A 231 8.25 3.95 -22.78
CA PHE A 231 7.87 2.78 -22.02
C PHE A 231 7.52 1.72 -23.04
N SER A 232 7.81 0.44 -22.70
CA SER A 232 7.47 -0.73 -23.54
C SER A 232 6.00 -0.84 -23.70
N LEU A 233 5.57 -1.46 -24.79
CA LEU A 233 4.15 -1.55 -25.09
C LEU A 233 3.52 -2.58 -24.18
N GLU A 234 4.33 -3.43 -23.57
CA GLU A 234 3.92 -4.45 -22.60
C GLU A 234 3.40 -3.78 -21.33
N PHE A 235 4.16 -2.77 -20.91
CA PHE A 235 3.98 -2.03 -19.67
C PHE A 235 2.82 -1.13 -19.94
N GLN A 236 2.86 -0.46 -21.08
CA GLN A 236 1.70 0.30 -21.57
C GLN A 236 0.40 -0.50 -21.51
N ASP A 237 0.43 -1.73 -21.93
CA ASP A 237 -0.80 -2.49 -22.10
C ASP A 237 -1.34 -2.98 -20.76
N PHE A 238 -0.38 -3.19 -19.85
CA PHE A 238 -0.60 -3.77 -18.54
C PHE A 238 -1.35 -2.72 -17.74
N VAL A 239 -0.75 -1.55 -17.73
CA VAL A 239 -1.25 -0.36 -17.11
C VAL A 239 -2.65 -0.04 -17.64
N ASN A 240 -2.85 0.08 -18.96
CA ASN A 240 -4.21 0.29 -19.52
C ASN A 240 -5.22 -0.77 -19.10
N LYS A 241 -4.79 -2.01 -18.88
CA LYS A 241 -5.76 -3.09 -18.50
C LYS A 241 -6.34 -2.92 -17.07
N CYS A 242 -5.55 -2.25 -16.22
CA CYS A 242 -5.83 -2.04 -14.78
C CYS A 242 -6.65 -0.76 -14.66
N LEU A 243 -6.67 0.01 -15.73
CA LEU A 243 -7.31 1.29 -15.70
C LEU A 243 -8.55 1.43 -16.60
N ILE A 244 -9.10 0.33 -17.08
CA ILE A 244 -10.43 0.41 -17.73
C ILE A 244 -11.36 0.99 -16.68
N LYS A 245 -12.18 1.99 -17.06
CA LYS A 245 -13.18 2.63 -16.17
C LYS A 245 -14.36 1.74 -15.86
N ASN A 246 -14.62 0.77 -16.73
CA ASN A 246 -15.66 -0.20 -16.43
C ASN A 246 -15.12 -1.39 -15.65
N PRO A 247 -15.60 -1.56 -14.39
CA PRO A 247 -15.02 -2.61 -13.52
C PRO A 247 -15.28 -4.02 -14.06
N ALA A 248 -16.33 -4.14 -14.90
CA ALA A 248 -16.71 -5.40 -15.56
C ALA A 248 -15.72 -5.77 -16.68
N GLU A 249 -15.00 -4.76 -17.15
CA GLU A 249 -14.07 -4.91 -18.24
C GLU A 249 -12.59 -4.76 -17.84
N ARG A 250 -12.32 -4.01 -16.77
CA ARG A 250 -10.98 -3.96 -16.13
C ARG A 250 -10.42 -5.38 -16.00
N ALA A 251 -9.10 -5.54 -16.12
CA ALA A 251 -8.52 -6.89 -15.97
C ALA A 251 -8.58 -7.32 -14.50
N ASP A 252 -8.71 -8.63 -14.24
CA ASP A 252 -8.55 -9.12 -12.86
C ASP A 252 -7.14 -9.61 -12.56
N LEU A 253 -6.86 -9.82 -11.27
CA LEU A 253 -5.53 -10.25 -10.82
C LEU A 253 -5.02 -11.53 -11.50
N LYS A 254 -5.95 -12.42 -11.85
CA LYS A 254 -5.60 -13.70 -12.45
C LYS A 254 -4.99 -13.43 -13.82
N GLN A 255 -5.74 -12.67 -14.60
CA GLN A 255 -5.39 -12.31 -15.95
C GLN A 255 -4.15 -11.43 -15.98
N LEU A 256 -3.93 -10.71 -14.89
CA LEU A 256 -2.79 -9.82 -14.77
C LEU A 256 -1.52 -10.58 -14.47
N MET A 257 -1.66 -11.60 -13.63
CA MET A 257 -0.57 -12.50 -13.29
C MET A 257 0.10 -13.19 -14.52
N VAL A 258 -0.64 -13.30 -15.63
CA VAL A 258 -0.12 -13.96 -16.83
C VAL A 258 0.13 -12.99 -17.98
N HIS A 259 0.08 -11.70 -17.69
CA HIS A 259 0.30 -10.73 -18.73
C HIS A 259 1.79 -10.75 -19.14
N ALA A 260 2.03 -10.61 -20.45
CA ALA A 260 3.36 -10.40 -21.03
C ALA A 260 4.30 -9.44 -20.31
N PHE A 261 3.81 -8.35 -19.70
CA PHE A 261 4.68 -7.45 -18.89
C PHE A 261 5.26 -8.20 -17.69
N ILE A 262 4.43 -9.05 -17.11
CA ILE A 262 4.73 -9.71 -15.85
C ILE A 262 5.61 -10.94 -16.15
N LYS A 263 5.22 -11.64 -17.20
CA LYS A 263 6.01 -12.79 -17.70
C LYS A 263 7.42 -12.36 -18.05
N ARG A 264 7.50 -11.24 -18.76
CA ARG A 264 8.78 -10.59 -19.09
C ARG A 264 9.53 -10.17 -17.86
N SER A 265 8.83 -9.54 -16.90
CA SER A 265 9.47 -8.99 -15.70
C SER A 265 10.05 -10.03 -14.81
N ASP A 266 9.31 -11.10 -14.68
CA ASP A 266 9.67 -12.20 -13.80
C ASP A 266 11.01 -12.86 -14.22
N ALA A 267 11.22 -12.99 -15.52
CA ALA A 267 12.42 -13.59 -16.04
C ALA A 267 13.61 -12.65 -15.97
N GLU A 268 13.40 -11.34 -15.78
CA GLU A 268 14.53 -10.40 -15.71
C GLU A 268 15.34 -10.52 -14.45
N GLU A 269 16.64 -10.27 -14.56
CA GLU A 269 17.49 -10.18 -13.38
C GLU A 269 17.64 -8.69 -13.03
N VAL A 270 16.86 -8.23 -12.05
CA VAL A 270 16.96 -6.84 -11.56
C VAL A 270 17.49 -6.90 -10.13
N ASP A 271 18.67 -6.32 -9.92
CA ASP A 271 19.19 -6.08 -8.57
C ASP A 271 18.55 -4.81 -7.91
N PHE A 272 17.28 -4.97 -7.54
CA PHE A 272 16.53 -3.87 -6.94
C PHE A 272 17.10 -3.45 -5.56
N ALA A 273 17.57 -4.42 -4.76
CA ALA A 273 18.34 -4.09 -3.56
C ALA A 273 19.54 -3.18 -3.87
N GLY A 274 20.28 -3.48 -4.93
CA GLY A 274 21.44 -2.70 -5.30
C GLY A 274 21.05 -1.30 -5.71
N TRP A 275 19.99 -1.25 -6.54
CA TRP A 275 19.42 0.00 -7.06
C TRP A 275 18.91 0.88 -5.92
N LEU A 276 18.06 0.29 -5.08
CA LEU A 276 17.55 0.95 -3.87
C LEU A 276 18.63 1.58 -3.00
N CYS A 277 19.73 0.84 -2.79
CA CYS A 277 20.83 1.31 -1.95
C CYS A 277 21.68 2.43 -2.56
N SER A 278 22.04 2.33 -3.83
CA SER A 278 22.66 3.48 -4.49
C SER A 278 21.67 4.68 -4.48
N THR A 279 20.39 4.39 -4.69
CA THR A 279 19.29 5.37 -4.76
C THR A 279 19.01 6.18 -3.48
N ILE A 280 18.91 5.49 -2.34
CA ILE A 280 18.49 6.13 -1.07
C ILE A 280 19.57 6.15 0.03
N GLY A 281 20.78 5.68 -0.30
CA GLY A 281 21.93 5.75 0.59
C GLY A 281 21.83 4.78 1.73
N LEU A 282 21.43 3.56 1.41
CA LEU A 282 21.51 2.44 2.33
C LEU A 282 22.77 1.63 2.03
F26 YQY B . -5.32 -2.36 9.68
C9 YQY B . -5.68 -1.21 9.19
C10 YQY B . -6.99 -1.09 8.88
F22 YQY B . -7.70 -2.19 9.17
C11 YQY B . -7.52 0.05 8.34
C12 YQY B . -6.65 1.10 8.11
C13 YQY B . -5.28 0.96 8.37
C16 YQY B . -4.37 2.10 8.07
O18 YQY B . -3.36 2.29 8.74
N17 YQY B . -4.62 2.93 7.07
C21 YQY B . -5.64 2.97 6.03
C20 YQY B . -4.83 4.16 5.51
O23 YQY B . -3.98 3.97 4.37
C24 YQY B . -5.72 5.37 5.35
N25 YQY B . -4.85 6.47 5.12
C19 YQY B . -3.86 4.11 6.66
C8 YQY B . -4.78 -0.23 8.89
N7 YQY B . -3.45 -0.40 9.15
C5 YQY B . -2.69 -1.53 8.80
C6 YQY B . -1.35 -1.54 9.20
F15 YQY B . -0.93 -0.47 9.83
C1 YQY B . -0.42 -2.57 8.96
C4 YQY B . -3.11 -2.68 8.13
C3 YQY B . -2.17 -3.73 7.92
C2 YQY B . -0.84 -3.67 8.29
I14 YQY B . 0.60 -5.28 8.04
PG ACP C . -1.61 7.18 4.42
O1G ACP C . -1.80 7.65 5.84
O2G ACP C . -1.30 5.69 4.35
O3G ACP C . -2.83 7.43 3.60
PB ACP C . 1.39 7.36 4.19
O1B ACP C . 1.29 5.98 3.69
O2B ACP C . 2.72 8.05 3.95
C3B ACP C . -0.19 8.18 3.78
PA ACP C . 1.49 6.29 6.96
O1A ACP C . 0.71 5.05 6.55
O2A ACP C . 1.22 6.98 8.27
O3A ACP C . 1.34 7.42 5.82
O5' ACP C . 3.06 6.06 7.06
C5' ACP C . 3.85 7.16 7.47
C4' ACP C . 5.26 7.00 6.96
O4' ACP C . 5.87 5.93 7.66
C3' ACP C . 5.33 6.65 5.49
O3' ACP C . 6.48 7.31 4.90
C2' ACP C . 5.69 5.19 5.45
O2' ACP C . 6.48 4.97 4.27
C1' ACP C . 6.46 4.98 6.76
N9 ACP C . 6.20 3.60 7.16
C8 ACP C . 4.98 3.04 7.29
N7 ACP C . 5.09 1.74 7.62
C5 ACP C . 6.38 1.42 7.71
C6 ACP C . 7.18 0.18 8.01
N6 ACP C . 6.54 -0.99 8.28
N1 ACP C . 8.54 0.27 7.97
C2 ACP C . 9.14 1.41 7.66
N3 ACP C . 8.47 2.56 7.39
C4 ACP C . 7.12 2.63 7.39
MG MG D . 0.47 4.49 4.62
#